data_7D0N
#
_entry.id   7D0N
#
_cell.length_a   67.840
_cell.length_b   67.840
_cell.length_c   128.010
_cell.angle_alpha   90.000
_cell.angle_beta   90.000
_cell.angle_gamma   90.000
#
_symmetry.space_group_name_H-M   'P 43'
#
loop_
_entity.id
_entity.type
_entity.pdbx_description
1 polymer Cryptochrome-2
2 water water
#
_entity_poly.entity_id   1
_entity_poly.type   'polypeptide(L)'
_entity_poly.pdbx_seq_one_letter_code
;GTMAAAAVVAATVPAQSMGADGASSVHWFRKGLRLHDNPALLAAVRGARCVRCVYILDPWFAASSSVGINRWRFLLQSLE
DLDTSLRKLNSRLFVVRGQPADVFPRLFKEWGVTRLTFEYDSEPFGKERDAAIMKMAKEAGVEVVTENSHTLYDLDRIIE
LNGQKPPLTYKRFQALISRMELPKKPAVAVSSQQMESCRAEIQENHDDTYGVPSLEELGFPTEGLGPAVWQGGETEALAR
LDKHLERKAWVANYERPRMNANSLLASPTGLSPYLRFGCLSCRLFYYRLWDLYKKVKRNSTPPLSLFGQLLWREFFYTAA
TNNPRFDRMEGNPICIQIPWDRNPEALAKWAEGKTGFPWIDAIMTQLRQEGWIHHLARHAVACFLTRGDLWVSWESGVRV
FDELLLDADFSVNAGSWMWLSCSAFFQQFFHCYCPVGFGRRTDPSGDYIRRYLPKLKGFPSRYIYEPWNAPESVQKAAKC
IIGVDYPRPIVNHAETSRLNIERMKQIYQQLSRY
;
_entity_poly.pdbx_strand_id   A
#
# COMPACT_ATOMS: atom_id res chain seq x y z
N ALA A 23 -26.88 18.23 14.71
CA ALA A 23 -25.61 18.92 14.84
C ALA A 23 -25.00 19.15 13.46
N SER A 24 -24.00 20.01 13.38
CA SER A 24 -23.19 20.17 12.17
C SER A 24 -21.91 19.38 12.39
N SER A 25 -21.87 18.17 11.84
CA SER A 25 -20.73 17.27 12.02
C SER A 25 -20.03 17.05 10.70
N VAL A 26 -18.70 16.96 10.76
CA VAL A 26 -17.86 16.72 9.58
C VAL A 26 -17.17 15.38 9.78
N HIS A 27 -17.40 14.45 8.85
CA HIS A 27 -16.64 13.22 8.76
C HIS A 27 -15.50 13.44 7.79
N TRP A 28 -14.27 13.37 8.31
CA TRP A 28 -13.06 13.47 7.50
C TRP A 28 -12.79 12.09 6.90
N PHE A 29 -13.17 11.89 5.61
CA PHE A 29 -12.68 10.71 4.88
C PHE A 29 -11.27 10.87 4.38
N ARG A 30 -10.36 11.23 5.26
CA ARG A 30 -8.95 11.13 4.91
C ARG A 30 -8.55 9.69 4.57
N LYS A 31 -9.10 8.70 5.28
CA LYS A 31 -8.84 7.31 4.95
C LYS A 31 -10.03 6.47 5.40
N GLY A 32 -10.04 5.24 4.94
CA GLY A 32 -11.27 4.49 5.03
C GLY A 32 -12.26 5.05 4.04
N LEU A 33 -11.91 5.03 2.77
CA LEU A 33 -12.76 5.55 1.70
C LEU A 33 -13.87 4.54 1.42
N ARG A 34 -14.78 4.43 2.39
CA ARG A 34 -15.85 3.46 2.34
C ARG A 34 -17.03 4.00 3.12
N LEU A 35 -18.21 3.45 2.83
CA LEU A 35 -19.39 3.67 3.65
C LEU A 35 -19.78 2.46 4.49
N HIS A 36 -19.51 1.25 3.99
CA HIS A 36 -19.71 0.04 4.77
C HIS A 36 -18.74 -0.01 5.94
N ASP A 37 -19.23 -0.49 7.08
CA ASP A 37 -18.42 -0.70 8.28
C ASP A 37 -17.64 0.57 8.65
N ASN A 38 -18.34 1.69 8.71
CA ASN A 38 -17.73 2.97 9.04
C ASN A 38 -18.22 3.45 10.40
N PRO A 39 -17.38 3.42 11.45
CA PRO A 39 -17.84 3.82 12.78
C PRO A 39 -18.03 5.33 12.93
N ALA A 40 -17.04 6.11 12.50
CA ALA A 40 -17.12 7.55 12.66
C ALA A 40 -18.26 8.15 11.84
N LEU A 41 -18.63 7.50 10.75
CA LEU A 41 -19.79 7.95 9.96
C LEU A 41 -21.05 7.96 10.82
N LEU A 42 -21.28 6.88 11.56
CA LEU A 42 -22.44 6.81 12.45
C LEU A 42 -22.28 7.78 13.61
N ALA A 43 -21.05 7.97 14.09
CA ALA A 43 -20.81 8.89 15.19
C ALA A 43 -21.17 10.33 14.80
N ALA A 44 -20.72 10.77 13.63
CA ALA A 44 -21.01 12.14 13.20
C ALA A 44 -22.48 12.33 12.88
N VAL A 45 -23.14 11.28 12.38
CA VAL A 45 -24.57 11.33 12.10
C VAL A 45 -25.38 11.32 13.40
N CYS A 50 -27.21 17.57 10.23
CA CYS A 50 -26.34 18.06 9.16
C CYS A 50 -24.94 17.45 9.28
N VAL A 51 -24.61 16.56 8.36
CA VAL A 51 -23.27 15.99 8.26
C VAL A 51 -22.74 16.29 6.87
N ARG A 52 -21.47 16.71 6.80
CA ARG A 52 -20.79 17.01 5.55
C ARG A 52 -19.52 16.17 5.48
N CYS A 53 -19.41 15.35 4.44
CA CYS A 53 -18.26 14.47 4.25
C CYS A 53 -17.15 15.22 3.51
N VAL A 54 -16.00 15.37 4.16
CA VAL A 54 -14.90 16.18 3.64
C VAL A 54 -13.68 15.31 3.39
N TYR A 55 -13.06 15.50 2.23
CA TYR A 55 -11.68 15.14 1.98
C TYR A 55 -10.91 16.42 1.70
N ILE A 56 -9.76 16.59 2.33
CA ILE A 56 -8.95 17.79 2.15
C ILE A 56 -7.71 17.42 1.35
N LEU A 57 -7.60 17.99 0.16
CA LEU A 57 -6.50 17.72 -0.75
C LEU A 57 -5.85 19.04 -1.13
N ASP A 58 -4.54 19.12 -0.98
CA ASP A 58 -3.78 20.27 -1.46
C ASP A 58 -3.29 20.01 -2.88
N PRO A 59 -3.94 20.57 -3.90
CA PRO A 59 -3.59 20.22 -5.28
C PRO A 59 -2.20 20.68 -5.70
N TRP A 60 -1.56 21.56 -4.93
CA TRP A 60 -0.17 21.88 -5.26
C TRP A 60 0.78 20.85 -4.68
N PHE A 61 0.52 20.37 -3.46
CA PHE A 61 1.26 19.22 -2.99
C PHE A 61 1.15 18.08 -3.97
N ALA A 62 -0.05 17.85 -4.51
CA ALA A 62 -0.27 16.78 -5.46
C ALA A 62 0.47 17.01 -6.76
N ALA A 63 0.67 18.27 -7.15
CA ALA A 63 1.46 18.59 -8.34
C ALA A 63 2.92 18.23 -8.15
N SER A 64 3.44 18.36 -6.94
CA SER A 64 4.85 18.11 -6.67
C SER A 64 5.06 16.77 -5.96
N SER A 65 4.10 15.87 -6.08
CA SER A 65 4.22 14.58 -5.43
C SER A 65 5.11 13.67 -6.25
N SER A 66 5.94 12.89 -5.55
CA SER A 66 6.75 11.90 -6.22
C SER A 66 5.97 10.63 -6.50
N VAL A 67 4.79 10.48 -5.90
CA VAL A 67 3.94 9.31 -6.19
C VAL A 67 3.40 9.41 -7.60
N GLY A 68 3.45 8.30 -8.32
CA GLY A 68 3.07 8.26 -9.71
C GLY A 68 1.57 8.34 -9.94
N ILE A 69 1.20 8.11 -11.20
CA ILE A 69 -0.18 8.34 -11.62
C ILE A 69 -1.11 7.23 -11.12
N ASN A 70 -0.60 6.03 -10.90
CA ASN A 70 -1.47 4.90 -10.60
C ASN A 70 -2.12 5.05 -9.24
N ARG A 71 -1.34 5.41 -8.23
CA ARG A 71 -1.96 5.53 -6.92
C ARG A 71 -2.77 6.82 -6.79
N TRP A 72 -2.35 7.91 -7.44
CA TRP A 72 -3.19 9.12 -7.42
C TRP A 72 -4.52 8.86 -8.10
N ARG A 73 -4.52 8.08 -9.18
CA ARG A 73 -5.76 7.75 -9.87
C ARG A 73 -6.68 6.92 -8.99
N PHE A 74 -6.12 5.92 -8.29
CA PHE A 74 -6.91 5.13 -7.35
C PHE A 74 -7.62 6.01 -6.33
N LEU A 75 -6.88 6.97 -5.74
CA LEU A 75 -7.49 7.88 -4.77
C LEU A 75 -8.67 8.61 -5.38
N LEU A 76 -8.45 9.26 -6.53
CA LEU A 76 -9.53 10.01 -7.16
C LEU A 76 -10.72 9.12 -7.46
N GLN A 77 -10.48 7.93 -8.02
CA GLN A 77 -11.58 7.03 -8.36
C GLN A 77 -12.31 6.56 -7.10
N SER A 78 -11.58 6.31 -6.02
CA SER A 78 -12.25 5.96 -4.78
C SER A 78 -13.08 7.12 -4.26
N LEU A 79 -12.55 8.33 -4.32
CA LEU A 79 -13.31 9.51 -3.92
C LEU A 79 -14.50 9.72 -4.85
N GLU A 80 -14.34 9.44 -6.15
CA GLU A 80 -15.47 9.51 -7.06
C GLU A 80 -16.57 8.52 -6.69
N ASP A 81 -16.20 7.36 -6.15
CA ASP A 81 -17.19 6.35 -5.82
C ASP A 81 -18.05 6.79 -4.64
N LEU A 82 -17.45 7.42 -3.63
CA LEU A 82 -18.24 7.85 -2.48
C LEU A 82 -19.13 9.04 -2.80
N ASP A 83 -18.65 9.96 -3.65
CA ASP A 83 -19.54 10.99 -4.15
C ASP A 83 -20.74 10.38 -4.87
N THR A 84 -20.48 9.39 -5.73
CA THR A 84 -21.56 8.67 -6.40
C THR A 84 -22.47 7.99 -5.39
N SER A 85 -21.88 7.41 -4.35
CA SER A 85 -22.67 6.75 -3.33
C SER A 85 -23.41 7.77 -2.48
N LEU A 86 -22.75 8.85 -2.08
CA LEU A 86 -23.41 9.92 -1.33
C LEU A 86 -24.49 10.61 -2.18
N ARG A 87 -24.27 10.73 -3.49
CA ARG A 87 -25.30 11.34 -4.34
C ARG A 87 -26.55 10.48 -4.40
N LYS A 88 -26.39 9.15 -4.31
CA LYS A 88 -27.54 8.27 -4.19
C LYS A 88 -28.33 8.53 -2.91
N LEU A 89 -27.64 8.92 -1.84
CA LEU A 89 -28.28 9.23 -0.56
C LEU A 89 -28.54 10.72 -0.38
N ASN A 90 -28.64 11.47 -1.49
CA ASN A 90 -29.04 12.88 -1.49
C ASN A 90 -28.01 13.79 -0.80
N SER A 91 -26.74 13.42 -0.85
CA SER A 91 -25.66 14.27 -0.34
C SER A 91 -24.57 14.34 -1.40
N ARG A 92 -23.44 14.94 -1.04
CA ARG A 92 -22.31 15.04 -1.94
C ARG A 92 -21.02 15.04 -1.12
N LEU A 93 -19.92 14.63 -1.77
CA LEU A 93 -18.61 14.63 -1.13
C LEU A 93 -17.99 16.01 -1.30
N PHE A 94 -17.60 16.62 -0.18
CA PHE A 94 -16.99 17.96 -0.18
C PHE A 94 -15.48 17.77 -0.22
N VAL A 95 -14.91 17.82 -1.42
CA VAL A 95 -13.46 17.74 -1.56
C VAL A 95 -12.95 19.18 -1.47
N VAL A 96 -12.50 19.54 -0.28
CA VAL A 96 -11.96 20.87 -0.04
C VAL A 96 -10.50 20.91 -0.47
N ARG A 97 -10.06 22.05 -0.96
CA ARG A 97 -8.70 22.23 -1.45
C ARG A 97 -7.88 23.01 -0.44
N GLY A 98 -6.67 22.52 -0.16
CA GLY A 98 -5.73 23.22 0.69
C GLY A 98 -5.16 22.31 1.76
N GLN A 99 -4.29 22.90 2.59
CA GLN A 99 -3.76 22.16 3.72
C GLN A 99 -4.80 22.08 4.83
N PRO A 100 -4.88 20.96 5.54
CA PRO A 100 -6.03 20.74 6.44
C PRO A 100 -6.11 21.71 7.61
N ALA A 101 -4.99 22.03 8.25
CA ALA A 101 -5.04 22.89 9.44
C ALA A 101 -5.49 24.30 9.11
N ASP A 102 -5.18 24.81 7.92
CA ASP A 102 -5.65 26.14 7.54
C ASP A 102 -7.11 26.13 7.11
N VAL A 103 -7.60 24.99 6.63
CA VAL A 103 -8.93 24.93 6.05
C VAL A 103 -9.99 24.74 7.13
N PHE A 104 -9.74 23.85 8.09
CA PHE A 104 -10.78 23.47 9.05
C PHE A 104 -11.32 24.64 9.85
N PRO A 105 -10.53 25.54 10.43
CA PRO A 105 -11.13 26.62 11.23
C PRO A 105 -12.10 27.50 10.45
N ARG A 106 -11.71 27.94 9.25
CA ARG A 106 -12.64 28.71 8.43
C ARG A 106 -13.89 27.90 8.09
N LEU A 107 -13.72 26.61 7.82
CA LEU A 107 -14.88 25.75 7.54
C LEU A 107 -15.72 25.52 8.79
N PHE A 108 -15.06 25.38 9.95
CA PHE A 108 -15.78 25.33 11.22
C PHE A 108 -16.69 26.53 11.37
N LYS A 109 -16.13 27.73 11.21
CA LYS A 109 -16.91 28.95 11.32
C LYS A 109 -17.91 29.07 10.17
N GLU A 110 -17.61 28.50 9.01
CA GLU A 110 -18.48 28.67 7.86
C GLU A 110 -19.79 27.91 8.01
N TRP A 111 -19.75 26.71 8.59
CA TRP A 111 -20.96 25.93 8.79
C TRP A 111 -21.32 25.74 10.26
N GLY A 112 -20.55 26.29 11.19
CA GLY A 112 -20.83 26.12 12.60
C GLY A 112 -20.75 24.67 13.00
N VAL A 113 -19.61 24.05 12.73
CA VAL A 113 -19.45 22.61 12.91
C VAL A 113 -19.47 22.27 14.40
N THR A 114 -20.41 21.40 14.80
CA THR A 114 -20.51 21.01 16.20
C THR A 114 -19.36 20.08 16.58
N ARG A 115 -18.94 19.20 15.67
CA ARG A 115 -17.87 18.25 15.96
C ARG A 115 -17.20 17.83 14.66
N LEU A 116 -15.97 17.32 14.79
CA LEU A 116 -15.22 16.73 13.68
C LEU A 116 -14.85 15.30 14.05
N THR A 117 -15.19 14.36 13.17
CA THR A 117 -14.95 12.93 13.40
C THR A 117 -14.06 12.37 12.30
N PHE A 118 -12.86 11.94 12.65
CA PHE A 118 -11.94 11.30 11.71
C PHE A 118 -11.48 9.95 12.25
N GLU A 119 -11.31 8.98 11.36
CA GLU A 119 -10.81 7.67 11.76
C GLU A 119 -9.34 7.77 12.15
N TYR A 120 -8.98 7.11 13.25
CA TYR A 120 -7.66 7.31 13.85
C TYR A 120 -6.55 6.78 12.95
N ASP A 121 -5.47 7.54 12.87
CA ASP A 121 -4.31 7.17 12.08
C ASP A 121 -3.21 6.66 13.02
N SER A 122 -2.87 5.39 12.85
CA SER A 122 -1.83 4.78 13.68
C SER A 122 -0.49 5.43 13.44
N GLU A 123 -0.23 5.81 12.19
CA GLU A 123 1.10 6.30 11.82
C GLU A 123 1.49 7.51 12.66
N PRO A 124 2.77 7.63 13.03
CA PRO A 124 3.18 8.75 13.91
C PRO A 124 3.00 10.11 13.28
N PHE A 125 3.45 10.29 12.04
CA PHE A 125 3.37 11.58 11.38
C PHE A 125 1.91 12.04 11.23
N GLY A 126 1.01 11.08 10.99
CA GLY A 126 -0.40 11.42 10.98
C GLY A 126 -0.93 11.76 12.37
N LYS A 127 -0.48 11.02 13.39
CA LYS A 127 -0.92 11.29 14.75
C LYS A 127 -0.44 12.66 15.22
N GLU A 128 0.77 13.04 14.84
CA GLU A 128 1.25 14.39 15.16
C GLU A 128 0.41 15.45 14.47
N ARG A 129 0.04 15.21 13.21
CA ARG A 129 -0.86 16.14 12.53
C ARG A 129 -2.25 16.13 13.14
N ASP A 130 -2.73 14.95 13.55
CA ASP A 130 -4.07 14.85 14.12
C ASP A 130 -4.16 15.48 15.50
N ALA A 131 -3.06 15.45 16.26
CA ALA A 131 -3.05 16.09 17.56
C ALA A 131 -3.19 17.61 17.42
N ALA A 132 -2.57 18.18 16.40
CA ALA A 132 -2.67 19.62 16.17
C ALA A 132 -4.09 20.02 15.77
N ILE A 133 -4.76 19.20 14.97
CA ILE A 133 -6.12 19.53 14.57
C ILE A 133 -7.08 19.33 15.74
N MET A 134 -6.85 18.30 16.56
CA MET A 134 -7.71 18.08 17.72
C MET A 134 -7.55 19.19 18.75
N LYS A 135 -6.32 19.66 18.94
CA LYS A 135 -6.10 20.81 19.81
C LYS A 135 -6.75 22.07 19.21
N MET A 136 -6.43 22.37 17.95
CA MET A 136 -7.02 23.55 17.30
C MET A 136 -8.52 23.55 17.43
N ALA A 137 -9.15 22.36 17.39
CA ALA A 137 -10.59 22.29 17.61
C ALA A 137 -10.95 22.52 19.07
N LYS A 138 -10.07 22.11 19.99
CA LYS A 138 -10.38 22.24 21.42
C LYS A 138 -10.41 23.70 21.84
N GLU A 139 -9.31 24.42 21.60
CA GLU A 139 -9.32 25.88 21.65
C GLU A 139 -10.50 26.50 20.90
N ALA A 140 -10.85 25.97 19.74
CA ALA A 140 -11.97 26.53 18.98
C ALA A 140 -13.31 25.95 19.39
N GLY A 141 -13.36 25.10 20.42
CA GLY A 141 -14.62 24.57 20.89
C GLY A 141 -15.31 23.63 19.93
N VAL A 142 -14.56 22.76 19.25
CA VAL A 142 -15.11 21.76 18.35
C VAL A 142 -14.75 20.39 18.90
N GLU A 143 -15.74 19.51 18.99
CA GLU A 143 -15.52 18.18 19.53
C GLU A 143 -14.80 17.30 18.50
N VAL A 144 -13.96 16.39 19.00
CA VAL A 144 -13.14 15.52 18.16
C VAL A 144 -13.34 14.09 18.64
N VAL A 145 -13.76 13.20 17.74
CA VAL A 145 -13.95 11.79 18.04
C VAL A 145 -13.19 10.96 17.02
N THR A 146 -12.38 10.01 17.49
CA THR A 146 -11.53 9.20 16.63
C THR A 146 -11.82 7.73 16.87
N GLU A 147 -11.93 6.97 15.77
CA GLU A 147 -12.18 5.53 15.81
C GLU A 147 -11.23 4.84 14.83
N ASN A 148 -10.50 3.83 15.30
CA ASN A 148 -9.48 3.20 14.45
C ASN A 148 -10.02 1.92 13.82
N SER A 149 -10.83 2.09 12.78
CA SER A 149 -11.36 0.98 12.00
C SER A 149 -10.40 0.51 10.91
N HIS A 150 -9.20 1.09 10.83
CA HIS A 150 -8.18 0.67 9.87
C HIS A 150 -7.51 -0.61 10.32
N THR A 151 -7.32 -0.78 11.62
CA THR A 151 -6.75 -1.99 12.20
C THR A 151 -7.83 -2.82 12.86
N LEU A 152 -7.66 -4.14 12.76
CA LEU A 152 -8.45 -5.12 13.50
C LEU A 152 -8.45 -4.91 15.02
N TYR A 153 -7.32 -4.50 15.60
CA TYR A 153 -7.25 -4.36 17.04
C TYR A 153 -6.50 -3.09 17.39
N ASP A 154 -6.49 -2.77 18.68
CA ASP A 154 -5.73 -1.64 19.17
C ASP A 154 -4.25 -1.99 19.18
N LEU A 155 -3.45 -1.17 18.48
CA LEU A 155 -2.01 -1.42 18.47
C LEU A 155 -1.39 -0.99 19.79
N ASP A 156 -1.93 0.05 20.42
CA ASP A 156 -1.41 0.53 21.70
C ASP A 156 -1.63 -0.47 22.83
N ARG A 157 -2.70 -1.27 22.73
CA ARG A 157 -2.92 -2.34 23.70
C ARG A 157 -1.77 -3.33 23.69
N ILE A 158 -1.30 -3.69 22.50
CA ILE A 158 -0.34 -4.77 22.39
C ILE A 158 1.03 -4.34 22.93
N ILE A 159 1.39 -3.07 22.74
CA ILE A 159 2.72 -2.61 23.11
C ILE A 159 2.92 -2.65 24.64
N GLU A 160 1.89 -2.26 25.38
CA GLU A 160 1.97 -2.35 26.84
C GLU A 160 2.10 -3.81 27.27
N LEU A 161 1.37 -4.70 26.64
CA LEU A 161 1.42 -6.12 26.98
C LEU A 161 2.83 -6.66 26.77
N LYS A 165 7.16 -1.83 24.81
CA LYS A 165 8.01 -2.23 23.69
C LYS A 165 7.19 -2.94 22.62
N PRO A 166 7.41 -2.58 21.35
CA PRO A 166 6.64 -3.19 20.27
C PRO A 166 7.05 -4.63 20.02
N PRO A 167 6.09 -5.51 19.71
CA PRO A 167 6.43 -6.90 19.35
C PRO A 167 7.39 -6.94 18.16
N LEU A 168 8.48 -7.66 18.33
CA LEU A 168 9.54 -7.67 17.32
C LEU A 168 9.61 -8.97 16.53
N THR A 169 8.71 -9.93 16.77
CA THR A 169 8.62 -11.13 15.95
C THR A 169 7.16 -11.37 15.59
N TYR A 170 6.95 -11.95 14.40
CA TYR A 170 5.60 -12.35 14.03
C TYR A 170 5.03 -13.34 15.02
N LYS A 171 5.89 -14.15 15.66
CA LYS A 171 5.42 -15.12 16.64
C LYS A 171 5.06 -14.44 17.96
N ARG A 172 5.98 -13.65 18.52
CA ARG A 172 5.64 -12.90 19.73
C ARG A 172 4.42 -12.02 19.51
N PHE A 173 4.21 -11.55 18.27
CA PHE A 173 3.02 -10.75 17.95
C PHE A 173 1.77 -11.62 17.91
N GLN A 174 1.89 -12.85 17.38
CA GLN A 174 0.87 -13.87 17.54
C GLN A 174 0.50 -14.06 19.00
N ALA A 175 1.53 -14.25 19.83
CA ALA A 175 1.34 -14.54 21.24
C ALA A 175 0.60 -13.42 21.94
N LEU A 176 0.86 -12.17 21.56
CA LEU A 176 0.16 -11.07 22.19
C LEU A 176 -1.26 -10.91 21.65
N ILE A 177 -1.52 -11.30 20.40
CA ILE A 177 -2.89 -11.23 19.90
C ILE A 177 -3.69 -12.44 20.35
N SER A 178 -3.02 -13.56 20.63
CA SER A 178 -3.73 -14.69 21.22
C SER A 178 -4.12 -14.41 22.67
N ARG A 179 -3.33 -13.60 23.37
CA ARG A 179 -3.70 -13.17 24.72
C ARG A 179 -4.70 -12.02 24.68
N MET A 180 -4.77 -11.31 23.56
CA MET A 180 -5.72 -10.23 23.35
C MET A 180 -7.08 -10.79 22.91
N GLU A 181 -8.14 -10.02 23.16
CA GLU A 181 -9.48 -10.41 22.76
C GLU A 181 -9.59 -10.49 21.23
N LEU A 182 -10.67 -11.11 20.77
CA LEU A 182 -10.91 -11.19 19.33
C LEU A 182 -11.17 -9.80 18.77
N PRO A 183 -10.75 -9.51 17.55
CA PRO A 183 -10.96 -8.17 16.99
C PRO A 183 -12.44 -7.88 16.78
N LYS A 184 -12.76 -6.58 16.76
CA LYS A 184 -14.14 -6.14 16.66
C LYS A 184 -14.78 -6.59 15.35
N LYS A 185 -16.08 -6.87 15.40
CA LYS A 185 -16.81 -7.32 14.23
C LYS A 185 -17.10 -6.13 13.31
N PRO A 186 -17.45 -6.38 12.05
CA PRO A 186 -17.72 -5.27 11.12
C PRO A 186 -18.78 -4.34 11.68
N ALA A 187 -18.64 -3.05 11.34
CA ALA A 187 -19.50 -2.03 11.94
C ALA A 187 -20.86 -1.99 11.26
N VAL A 188 -21.75 -1.17 11.82
CA VAL A 188 -23.13 -1.13 11.37
C VAL A 188 -23.25 -0.27 10.12
N ALA A 189 -24.34 -0.49 9.37
CA ALA A 189 -24.63 0.29 8.19
C ALA A 189 -25.25 1.62 8.56
N VAL A 190 -25.34 2.52 7.59
CA VAL A 190 -26.00 3.81 7.73
C VAL A 190 -27.25 3.79 6.87
N SER A 191 -28.39 4.10 7.47
CA SER A 191 -29.67 4.04 6.78
C SER A 191 -29.78 5.14 5.73
N SER A 192 -30.45 4.81 4.61
CA SER A 192 -30.72 5.82 3.59
C SER A 192 -31.71 6.87 4.11
N GLN A 193 -32.68 6.44 4.92
CA GLN A 193 -33.63 7.40 5.48
C GLN A 193 -32.97 8.30 6.51
N GLN A 194 -32.09 7.74 7.34
CA GLN A 194 -31.36 8.55 8.32
C GLN A 194 -30.41 9.52 7.62
N MET A 195 -29.86 9.12 6.48
CA MET A 195 -28.96 10.00 5.73
C MET A 195 -29.74 11.12 5.03
N GLU A 196 -30.94 10.81 4.55
CA GLU A 196 -31.78 11.85 3.96
C GLU A 196 -32.20 12.88 5.00
N SER A 197 -32.39 12.46 6.24
CA SER A 197 -32.81 13.39 7.29
C SER A 197 -31.76 14.44 7.58
N CYS A 198 -30.48 14.04 7.54
CA CYS A 198 -29.37 14.96 7.77
C CYS A 198 -28.63 15.29 6.47
N ARG A 199 -29.34 15.28 5.34
CA ARG A 199 -28.72 15.59 4.06
C ARG A 199 -28.25 17.03 4.03
N ALA A 200 -27.10 17.26 3.40
CA ALA A 200 -26.45 18.56 3.39
C ALA A 200 -26.99 19.42 2.25
N GLU A 201 -26.73 20.72 2.35
CA GLU A 201 -27.27 21.67 1.39
C GLU A 201 -26.65 21.44 0.01
N ILE A 202 -27.52 21.28 -0.98
CA ILE A 202 -27.11 21.03 -2.35
C ILE A 202 -27.12 22.35 -3.12
N GLN A 203 -26.06 22.62 -3.85
CA GLN A 203 -26.00 23.77 -4.73
C GLN A 203 -25.64 23.30 -6.14
N GLU A 204 -26.12 24.03 -7.15
CA GLU A 204 -25.76 23.71 -8.52
C GLU A 204 -24.27 23.93 -8.76
N ASN A 205 -23.70 24.94 -8.13
CA ASN A 205 -22.26 25.20 -8.22
C ASN A 205 -21.42 24.19 -7.44
N HIS A 206 -22.03 23.24 -6.73
CA HIS A 206 -21.24 22.38 -5.85
C HIS A 206 -20.37 21.41 -6.62
N ASP A 207 -20.87 20.84 -7.73
CA ASP A 207 -20.07 19.89 -8.50
C ASP A 207 -18.75 20.50 -8.95
N ASP A 208 -18.71 21.82 -9.13
CA ASP A 208 -17.48 22.53 -9.47
C ASP A 208 -16.71 22.97 -8.23
N THR A 209 -17.42 23.43 -7.20
CA THR A 209 -16.75 23.96 -6.00
C THR A 209 -16.02 22.87 -5.24
N TYR A 210 -16.74 21.83 -4.83
CA TYR A 210 -16.20 20.79 -3.97
C TYR A 210 -16.11 19.45 -4.71
N GLY A 211 -16.12 19.47 -6.04
CA GLY A 211 -16.14 18.23 -6.80
C GLY A 211 -14.80 17.52 -6.81
N VAL A 212 -14.86 16.23 -7.12
CA VAL A 212 -13.63 15.43 -7.07
C VAL A 212 -12.67 15.92 -8.15
N PRO A 213 -11.40 16.09 -7.84
CA PRO A 213 -10.45 16.58 -8.84
C PRO A 213 -10.16 15.56 -9.93
N SER A 214 -9.36 15.99 -10.90
CA SER A 214 -8.97 15.19 -12.06
C SER A 214 -7.45 15.04 -12.04
N LEU A 215 -6.98 14.07 -12.83
CA LEU A 215 -5.54 13.86 -12.90
C LEU A 215 -4.84 15.06 -13.51
N GLU A 216 -5.46 15.69 -14.51
CA GLU A 216 -4.88 16.86 -15.15
C GLU A 216 -4.87 18.06 -14.21
N GLU A 217 -5.89 18.19 -13.37
CA GLU A 217 -5.87 19.21 -12.32
C GLU A 217 -4.69 19.01 -11.38
N LEU A 218 -4.32 17.76 -11.13
CA LEU A 218 -3.27 17.43 -10.18
C LEU A 218 -1.88 17.39 -10.80
N GLY A 219 -1.74 17.78 -12.07
CA GLY A 219 -0.44 17.82 -12.70
C GLY A 219 -0.05 16.58 -13.48
N PHE A 220 -0.99 15.68 -13.75
CA PHE A 220 -0.58 14.47 -14.43
C PHE A 220 -0.92 14.54 -15.91
N PRO A 221 0.00 14.13 -16.77
CA PRO A 221 -0.33 13.95 -18.19
C PRO A 221 -1.19 12.70 -18.41
N THR A 222 -2.28 12.87 -19.17
CA THR A 222 -3.27 11.81 -19.35
C THR A 222 -3.36 11.32 -20.79
N GLU A 223 -2.36 11.62 -21.62
CA GLU A 223 -2.42 11.29 -23.05
C GLU A 223 -2.10 9.81 -23.27
N GLY A 224 -3.07 9.08 -23.83
CA GLY A 224 -2.94 7.66 -24.02
C GLY A 224 -3.31 6.81 -22.82
N LEU A 225 -3.64 7.43 -21.69
CA LEU A 225 -3.97 6.71 -20.46
C LEU A 225 -5.16 5.77 -20.69
N GLY A 226 -4.92 4.47 -20.54
CA GLY A 226 -5.94 3.48 -20.79
C GLY A 226 -6.70 3.11 -19.53
N PRO A 227 -7.63 2.16 -19.65
CA PRO A 227 -8.42 1.76 -18.49
C PRO A 227 -7.52 1.18 -17.41
N ALA A 228 -7.79 1.56 -16.17
CA ALA A 228 -6.94 1.16 -15.06
C ALA A 228 -7.09 -0.33 -14.77
N VAL A 229 -5.98 -0.97 -14.41
CA VAL A 229 -6.01 -2.37 -14.03
C VAL A 229 -6.63 -2.55 -12.65
N TRP A 230 -6.33 -1.63 -11.73
CA TRP A 230 -6.91 -1.66 -10.39
C TRP A 230 -7.83 -0.44 -10.24
N GLN A 231 -9.12 -0.66 -10.51
CA GLN A 231 -10.09 0.43 -10.44
C GLN A 231 -10.39 0.77 -8.98
N GLY A 232 -10.37 2.06 -8.66
CA GLY A 232 -10.58 2.47 -7.28
C GLY A 232 -12.03 2.51 -6.90
N GLY A 233 -12.27 2.49 -5.58
CA GLY A 233 -13.62 2.68 -5.07
C GLY A 233 -14.11 1.55 -4.19
N GLU A 234 -15.03 1.88 -3.29
CA GLU A 234 -15.60 0.86 -2.41
C GLU A 234 -16.46 -0.15 -3.19
N THR A 235 -17.14 0.31 -4.25
CA THR A 235 -18.02 -0.55 -5.02
C THR A 235 -17.24 -1.71 -5.66
N GLU A 236 -16.11 -1.38 -6.30
CA GLU A 236 -15.23 -2.40 -6.86
C GLU A 236 -14.73 -3.34 -5.77
N ALA A 237 -14.29 -2.78 -4.65
CA ALA A 237 -13.74 -3.60 -3.56
C ALA A 237 -14.76 -4.59 -3.04
N LEU A 238 -15.96 -4.11 -2.68
CA LEU A 238 -17.00 -5.00 -2.19
C LEU A 238 -17.39 -6.02 -3.26
N ALA A 239 -17.31 -5.64 -4.55
CA ALA A 239 -17.51 -6.61 -5.61
C ALA A 239 -16.40 -7.63 -5.66
N ARG A 240 -15.15 -7.18 -5.49
CA ARG A 240 -14.05 -8.13 -5.50
C ARG A 240 -14.10 -9.03 -4.26
N LEU A 241 -14.56 -8.52 -3.12
CA LEU A 241 -14.73 -9.37 -1.94
C LEU A 241 -15.56 -10.60 -2.27
N ASP A 242 -16.75 -10.38 -2.84
CA ASP A 242 -17.65 -11.48 -3.16
C ASP A 242 -17.05 -12.43 -4.18
N LYS A 243 -16.31 -11.89 -5.15
CA LYS A 243 -15.66 -12.75 -6.14
C LYS A 243 -14.51 -13.53 -5.51
N HIS A 244 -13.77 -12.92 -4.59
CA HIS A 244 -12.64 -13.59 -3.96
C HIS A 244 -13.11 -14.77 -3.11
N LEU A 245 -14.12 -14.55 -2.27
CA LEU A 245 -14.62 -15.62 -1.41
C LEU A 245 -15.17 -16.78 -2.23
N GLU A 246 -15.72 -16.50 -3.42
CA GLU A 246 -16.31 -17.56 -4.23
C GLU A 246 -15.26 -18.57 -4.69
N ARG A 247 -14.06 -18.10 -5.01
CA ARG A 247 -12.99 -19.01 -5.41
C ARG A 247 -12.11 -19.38 -4.22
N ALA A 261 1.89 -18.91 -11.97
CA ALA A 261 2.41 -17.92 -12.91
C ALA A 261 1.39 -16.82 -13.22
N ASN A 262 0.18 -17.20 -13.64
CA ASN A 262 -0.91 -16.24 -13.67
C ASN A 262 -1.11 -15.61 -12.30
N SER A 263 -0.82 -16.38 -11.23
CA SER A 263 -0.65 -15.83 -9.89
C SER A 263 0.07 -14.48 -9.91
N LEU A 264 1.15 -14.38 -10.71
CA LEU A 264 1.92 -13.14 -10.75
C LEU A 264 1.15 -12.01 -11.44
N LEU A 265 0.26 -12.35 -12.35
CA LEU A 265 -0.55 -11.33 -13.02
C LEU A 265 -1.65 -10.82 -12.09
N ALA A 266 -2.15 -9.63 -12.40
CA ALA A 266 -3.25 -9.06 -11.65
C ALA A 266 -4.48 -9.97 -11.72
N SER A 267 -5.14 -10.13 -10.58
CA SER A 267 -6.35 -10.94 -10.55
C SER A 267 -7.55 -10.09 -10.17
N PRO A 268 -8.73 -10.40 -10.72
CA PRO A 268 -9.94 -9.67 -10.29
C PRO A 268 -10.30 -9.89 -8.83
N THR A 269 -9.67 -10.86 -8.17
CA THR A 269 -9.90 -11.13 -6.76
C THR A 269 -9.09 -10.22 -5.85
N GLY A 270 -8.05 -9.59 -6.37
CA GLY A 270 -7.08 -8.90 -5.55
C GLY A 270 -7.66 -7.76 -4.74
N LEU A 271 -7.38 -7.74 -3.44
CA LEU A 271 -7.93 -6.75 -2.53
C LEU A 271 -6.86 -5.98 -1.78
N SER A 272 -5.61 -6.16 -2.18
CA SER A 272 -4.49 -5.43 -1.51
C SER A 272 -4.67 -3.95 -1.55
N PRO A 273 -4.79 -3.24 -2.68
CA PRO A 273 -4.94 -1.79 -2.66
C PRO A 273 -6.20 -1.32 -1.94
N TYR A 274 -7.30 -2.08 -2.05
CA TYR A 274 -8.55 -1.64 -1.47
C TYR A 274 -8.51 -1.69 0.05
N LEU A 275 -7.68 -2.56 0.62
CA LEU A 275 -7.47 -2.51 2.07
C LEU A 275 -6.60 -1.33 2.48
N ARG A 276 -5.63 -0.94 1.64
CA ARG A 276 -4.70 0.12 2.01
C ARG A 276 -5.41 1.47 2.13
N PHE A 277 -6.32 1.77 1.21
CA PHE A 277 -7.04 3.05 1.20
C PHE A 277 -8.29 3.02 2.08
N GLY A 278 -8.78 1.83 2.43
CA GLY A 278 -9.99 1.72 3.21
C GLY A 278 -11.25 1.50 2.43
N CYS A 279 -11.16 1.22 1.13
CA CYS A 279 -12.36 0.85 0.37
C CYS A 279 -12.94 -0.48 0.85
N LEU A 280 -12.14 -1.31 1.53
CA LEU A 280 -12.60 -2.56 2.14
C LEU A 280 -12.13 -2.56 3.59
N SER A 281 -13.00 -3.09 4.46
CA SER A 281 -12.74 -3.18 5.91
C SER A 281 -11.84 -4.36 6.25
N CYS A 282 -10.87 -4.12 7.14
CA CYS A 282 -10.09 -5.24 7.65
C CYS A 282 -10.97 -6.20 8.45
N ARG A 283 -11.94 -5.67 9.19
CA ARG A 283 -12.80 -6.50 10.04
C ARG A 283 -13.83 -7.27 9.24
N LEU A 284 -14.35 -6.68 8.16
CA LEU A 284 -15.26 -7.40 7.28
C LEU A 284 -14.57 -8.58 6.60
N PHE A 285 -13.37 -8.33 6.08
CA PHE A 285 -12.62 -9.39 5.41
C PHE A 285 -12.26 -10.51 6.39
N TYR A 286 -11.86 -10.14 7.60
CA TYR A 286 -11.54 -11.11 8.64
C TYR A 286 -12.71 -12.07 8.89
N TYR A 287 -13.89 -11.52 9.20
CA TYR A 287 -15.00 -12.36 9.64
C TYR A 287 -15.79 -12.97 8.49
N ARG A 288 -15.69 -12.40 7.28
CA ARG A 288 -16.25 -13.09 6.12
C ARG A 288 -15.37 -14.26 5.71
N LEU A 289 -14.06 -14.14 5.91
CA LEU A 289 -13.17 -15.28 5.74
C LEU A 289 -13.46 -16.34 6.80
N TRP A 290 -13.68 -15.90 8.04
CA TRP A 290 -14.03 -16.83 9.11
C TRP A 290 -15.32 -17.57 8.79
N ASP A 291 -16.31 -16.87 8.22
CA ASP A 291 -17.58 -17.49 7.90
C ASP A 291 -17.42 -18.54 6.79
N LEU A 292 -16.63 -18.22 5.76
CA LEU A 292 -16.35 -19.20 4.72
C LEU A 292 -15.62 -20.41 5.30
N TYR A 293 -14.65 -20.19 6.20
CA TYR A 293 -13.95 -21.34 6.78
C TYR A 293 -14.92 -22.24 7.52
N LYS A 294 -15.85 -21.65 8.28
CA LYS A 294 -16.80 -22.45 9.05
C LYS A 294 -17.65 -23.33 8.15
N LYS A 295 -18.02 -22.83 6.97
CA LYS A 295 -18.76 -23.67 6.02
C LYS A 295 -17.82 -24.65 5.33
N VAL A 296 -16.59 -24.26 5.09
CA VAL A 296 -15.59 -25.15 4.51
C VAL A 296 -14.98 -26.03 5.61
N THR A 301 -11.84 -24.63 13.96
CA THR A 301 -11.28 -23.35 14.38
C THR A 301 -10.20 -22.86 13.40
N PRO A 302 -10.19 -21.56 13.14
CA PRO A 302 -9.36 -21.01 12.05
C PRO A 302 -7.87 -21.09 12.35
N PRO A 303 -7.06 -21.48 11.37
CA PRO A 303 -5.61 -21.34 11.53
C PRO A 303 -5.18 -19.94 11.11
N LEU A 304 -3.94 -19.62 11.45
CA LEU A 304 -3.42 -18.28 11.13
C LEU A 304 -3.32 -18.03 9.64
N SER A 305 -3.37 -19.09 8.82
CA SER A 305 -3.02 -18.97 7.40
C SER A 305 -4.00 -18.09 6.62
N LEU A 306 -5.28 -18.10 6.99
CA LEU A 306 -6.24 -17.27 6.26
C LEU A 306 -5.99 -15.79 6.51
N PHE A 307 -5.74 -15.43 7.76
CA PHE A 307 -5.52 -14.04 8.15
C PHE A 307 -4.07 -13.60 8.01
N GLY A 308 -3.31 -14.27 7.14
CA GLY A 308 -1.89 -13.96 7.03
C GLY A 308 -1.65 -12.56 6.51
N GLN A 309 -2.33 -12.20 5.42
CA GLN A 309 -2.19 -10.85 4.89
C GLN A 309 -2.58 -9.82 5.94
N LEU A 310 -3.65 -10.08 6.69
CA LEU A 310 -4.12 -9.12 7.69
C LEU A 310 -3.21 -9.07 8.92
N LEU A 311 -2.71 -10.22 9.36
CA LEU A 311 -1.84 -10.20 10.53
C LEU A 311 -0.47 -9.61 10.20
N TRP A 312 0.08 -9.97 9.03
CA TRP A 312 1.29 -9.31 8.58
C TRP A 312 1.06 -7.81 8.46
N ARG A 313 -0.10 -7.42 7.94
CA ARG A 313 -0.50 -6.02 7.95
C ARG A 313 -0.57 -5.48 9.37
N GLU A 314 -1.30 -6.17 10.25
CA GLU A 314 -1.42 -5.77 11.64
C GLU A 314 -0.06 -5.69 12.33
N PHE A 315 0.80 -6.68 12.09
CA PHE A 315 2.08 -6.74 12.78
C PHE A 315 2.87 -5.47 12.53
N PHE A 316 2.96 -5.03 11.27
CA PHE A 316 3.69 -3.81 10.93
C PHE A 316 2.96 -2.56 11.43
N TYR A 317 1.63 -2.59 11.43
CA TYR A 317 0.89 -1.44 11.94
C TYR A 317 1.15 -1.25 13.43
N THR A 318 1.23 -2.35 14.18
CA THR A 318 1.56 -2.27 15.61
C THR A 318 2.97 -1.72 15.82
N ALA A 319 3.94 -2.17 15.03
CA ALA A 319 5.32 -1.81 15.29
C ALA A 319 5.62 -0.36 14.96
N ALA A 320 4.74 0.33 14.23
CA ALA A 320 5.05 1.65 13.70
C ALA A 320 4.36 2.80 14.42
N THR A 321 3.20 2.56 15.05
CA THR A 321 2.44 3.61 15.73
C THR A 321 3.32 4.52 16.57
N ASN A 322 4.23 3.94 17.35
CA ASN A 322 5.07 4.70 18.26
C ASN A 322 6.53 4.69 17.81
N ASN A 323 6.81 4.27 16.59
CA ASN A 323 8.14 4.39 16.02
C ASN A 323 8.18 5.56 15.05
N PRO A 324 8.70 6.71 15.49
CA PRO A 324 8.69 7.89 14.60
C PRO A 324 9.51 7.76 13.33
N ARG A 325 10.77 7.33 13.46
CA ARG A 325 11.62 7.02 12.31
C ARG A 325 11.37 5.61 11.75
N PHE A 326 10.15 5.08 11.78
CA PHE A 326 9.95 3.69 11.38
C PHE A 326 10.41 3.49 9.93
N ASP A 327 10.26 4.51 9.09
CA ASP A 327 10.74 4.44 7.71
C ASP A 327 12.24 4.55 7.59
N ARG A 328 12.97 4.77 8.66
CA ARG A 328 14.40 5.02 8.52
C ARG A 328 15.22 4.02 9.33
N MET A 329 16.47 3.85 8.92
CA MET A 329 17.37 2.98 9.68
C MET A 329 17.83 3.68 10.96
N GLU A 330 18.50 4.82 10.82
CA GLU A 330 18.99 5.55 11.98
C GLU A 330 17.82 5.99 12.86
N GLY A 331 18.14 6.26 14.13
CA GLY A 331 17.16 6.59 15.15
C GLY A 331 16.01 5.62 15.30
N ASN A 332 16.16 4.38 14.83
CA ASN A 332 15.10 3.39 14.90
C ASN A 332 15.50 2.25 15.83
N PRO A 333 14.84 2.08 16.97
CA PRO A 333 15.26 1.05 17.93
C PRO A 333 15.21 -0.36 17.35
N ILE A 334 14.18 -0.66 16.56
CA ILE A 334 14.02 -2.01 16.05
C ILE A 334 14.93 -2.35 14.89
N CYS A 335 15.52 -1.36 14.21
CA CYS A 335 16.28 -1.63 13.00
C CYS A 335 17.77 -1.81 13.31
N ILE A 336 18.37 -2.84 12.71
CA ILE A 336 19.80 -3.06 12.76
C ILE A 336 20.51 -2.01 11.91
N GLN A 337 21.59 -1.45 12.45
CA GLN A 337 22.30 -0.38 11.77
C GLN A 337 23.28 -0.96 10.76
N ILE A 338 22.72 -1.49 9.68
CA ILE A 338 23.55 -2.11 8.63
C ILE A 338 24.22 -1.00 7.82
N PRO A 339 25.52 -1.10 7.52
CA PRO A 339 26.19 -0.05 6.72
C PRO A 339 25.93 -0.24 5.23
N TRP A 340 24.74 0.22 4.81
CA TRP A 340 24.33 0.05 3.42
C TRP A 340 25.12 0.97 2.50
N ASP A 341 25.57 0.42 1.38
CA ASP A 341 26.27 1.18 0.36
C ASP A 341 25.33 2.19 -0.29
N ARG A 342 25.92 3.20 -0.92
CA ARG A 342 25.19 4.19 -1.71
C ARG A 342 25.66 4.07 -3.15
N ASN A 343 24.81 3.49 -4.01
CA ASN A 343 25.08 3.43 -5.44
C ASN A 343 23.86 4.02 -6.13
N PRO A 344 23.91 5.30 -6.51
CA PRO A 344 22.75 5.89 -7.21
C PRO A 344 22.47 5.26 -8.57
N GLU A 345 23.48 4.72 -9.23
CA GLU A 345 23.27 4.11 -10.55
C GLU A 345 22.61 2.74 -10.45
N ALA A 346 22.81 2.02 -9.35
CA ALA A 346 22.16 0.73 -9.19
C ALA A 346 20.69 0.91 -8.88
N LEU A 347 20.36 1.80 -7.95
CA LEU A 347 18.98 2.15 -7.69
C LEU A 347 18.25 2.51 -8.98
N ALA A 348 18.86 3.38 -9.80
CA ALA A 348 18.24 3.76 -11.06
C ALA A 348 17.95 2.56 -11.94
N LYS A 349 18.93 1.67 -12.11
CA LYS A 349 18.69 0.50 -12.96
C LYS A 349 17.66 -0.44 -12.34
N TRP A 350 17.62 -0.50 -11.00
CA TRP A 350 16.63 -1.33 -10.32
C TRP A 350 15.22 -0.78 -10.52
N ALA A 351 15.03 0.51 -10.22
CA ALA A 351 13.71 1.11 -10.36
C ALA A 351 13.25 1.17 -11.81
N GLU A 352 14.18 1.33 -12.75
CA GLU A 352 13.82 1.47 -14.16
C GLU A 352 13.79 0.14 -14.89
N GLY A 353 13.91 -0.98 -14.18
CA GLY A 353 13.74 -2.29 -14.80
C GLY A 353 14.81 -2.58 -15.84
N LYS A 354 16.06 -2.30 -15.51
CA LYS A 354 17.17 -2.47 -16.44
C LYS A 354 18.37 -2.97 -15.63
N THR A 355 18.20 -4.11 -14.97
CA THR A 355 19.27 -4.74 -14.22
C THR A 355 19.95 -5.88 -14.97
N GLY A 356 19.42 -6.28 -16.12
CA GLY A 356 19.91 -7.43 -16.84
C GLY A 356 19.31 -8.75 -16.42
N PHE A 357 18.70 -8.82 -15.24
CA PHE A 357 18.05 -10.04 -14.79
C PHE A 357 16.58 -10.00 -15.15
N PRO A 358 16.14 -10.82 -16.12
CA PRO A 358 14.77 -10.68 -16.64
C PRO A 358 13.69 -10.79 -15.59
N TRP A 359 13.81 -11.73 -14.65
CA TRP A 359 12.81 -11.87 -13.60
C TRP A 359 12.72 -10.60 -12.76
N ILE A 360 13.86 -9.98 -12.47
CA ILE A 360 13.85 -8.72 -11.73
C ILE A 360 13.24 -7.61 -12.59
N ASP A 361 13.71 -7.48 -13.84
CA ASP A 361 13.31 -6.33 -14.64
C ASP A 361 11.85 -6.44 -15.07
N ALA A 362 11.33 -7.65 -15.22
CA ALA A 362 9.92 -7.80 -15.56
C ALA A 362 9.02 -7.48 -14.38
N ILE A 363 9.47 -7.80 -13.15
CA ILE A 363 8.68 -7.44 -11.98
C ILE A 363 8.58 -5.94 -11.83
N MET A 364 9.74 -5.25 -11.90
CA MET A 364 9.76 -3.80 -11.78
C MET A 364 8.98 -3.14 -12.90
N THR A 365 8.92 -3.77 -14.07
CA THR A 365 8.17 -3.20 -15.18
C THR A 365 6.67 -3.28 -14.95
N GLN A 366 6.20 -4.41 -14.42
CA GLN A 366 4.79 -4.52 -14.05
C GLN A 366 4.42 -3.54 -12.95
N LEU A 367 5.25 -3.45 -11.91
CA LEU A 367 4.98 -2.51 -10.82
C LEU A 367 4.87 -1.09 -11.33
N ARG A 368 5.74 -0.70 -12.28
CA ARG A 368 5.67 0.64 -12.83
C ARG A 368 4.40 0.82 -13.65
N GLN A 369 3.98 -0.23 -14.36
CA GLN A 369 2.86 -0.07 -15.28
C GLN A 369 1.52 -0.26 -14.61
N GLU A 370 1.44 -1.09 -13.57
CA GLU A 370 0.14 -1.48 -13.01
C GLU A 370 -0.04 -1.14 -11.54
N GLY A 371 1.01 -1.00 -10.76
CA GLY A 371 0.87 -0.59 -9.37
C GLY A 371 0.73 -1.72 -8.38
N TRP A 372 0.79 -2.97 -8.82
CA TRP A 372 0.70 -4.13 -7.94
C TRP A 372 1.62 -5.21 -8.49
N ILE A 373 2.41 -5.81 -7.62
CA ILE A 373 3.14 -7.03 -7.94
C ILE A 373 2.86 -8.03 -6.85
N HIS A 374 3.11 -9.31 -7.17
CA HIS A 374 2.88 -10.38 -6.22
C HIS A 374 3.86 -10.26 -5.05
N HIS A 375 3.44 -10.74 -3.88
CA HIS A 375 4.29 -10.60 -2.70
C HIS A 375 5.60 -11.36 -2.85
N LEU A 376 5.59 -12.51 -3.52
CA LEU A 376 6.83 -13.23 -3.77
C LEU A 376 7.70 -12.50 -4.77
N ALA A 377 7.09 -11.77 -5.71
CA ALA A 377 7.85 -10.91 -6.60
C ALA A 377 8.51 -9.77 -5.84
N ARG A 378 7.84 -9.27 -4.79
CA ARG A 378 8.42 -8.18 -3.98
C ARG A 378 9.63 -8.67 -3.20
N HIS A 379 9.55 -9.86 -2.62
CA HIS A 379 10.72 -10.43 -1.95
C HIS A 379 11.87 -10.56 -2.91
N ALA A 380 11.57 -10.90 -4.16
CA ALA A 380 12.60 -11.01 -5.17
C ALA A 380 13.32 -9.69 -5.37
N VAL A 381 12.58 -8.64 -5.70
CA VAL A 381 13.24 -7.38 -6.03
C VAL A 381 13.81 -6.72 -4.77
N ALA A 382 13.19 -6.95 -3.61
CA ALA A 382 13.72 -6.43 -2.36
C ALA A 382 15.04 -7.10 -2.00
N CYS A 383 15.11 -8.41 -2.22
CA CYS A 383 16.34 -9.13 -1.89
C CYS A 383 17.46 -8.70 -2.83
N PHE A 384 17.14 -8.50 -4.11
CA PHE A 384 18.13 -8.04 -5.07
C PHE A 384 18.70 -6.69 -4.68
N LEU A 385 17.85 -5.74 -4.31
CA LEU A 385 18.33 -4.39 -3.99
C LEU A 385 19.13 -4.38 -2.69
N THR A 386 18.63 -5.07 -1.67
CA THR A 386 19.22 -5.03 -0.34
C THR A 386 20.25 -6.15 -0.14
N ARG A 387 19.93 -7.09 0.76
CA ARG A 387 20.93 -8.02 1.27
C ARG A 387 21.36 -9.05 0.22
N GLY A 388 20.57 -9.24 -0.83
CA GLY A 388 20.89 -10.29 -1.78
C GLY A 388 21.98 -9.90 -2.75
N ASP A 389 21.91 -8.69 -3.31
CA ASP A 389 22.82 -8.34 -4.39
C ASP A 389 23.40 -6.93 -4.28
N LEU A 390 22.57 -5.90 -4.45
CA LEU A 390 23.11 -4.56 -4.62
C LEU A 390 23.51 -3.86 -3.32
N TRP A 391 23.12 -4.40 -2.17
CA TRP A 391 23.55 -3.84 -0.87
C TRP A 391 23.22 -2.36 -0.76
N VAL A 392 22.01 -1.99 -1.18
CA VAL A 392 21.50 -0.64 -1.08
C VAL A 392 20.46 -0.63 0.03
N SER A 393 20.27 0.53 0.65
CA SER A 393 19.40 0.59 1.83
C SER A 393 17.97 0.24 1.46
N TRP A 394 17.30 -0.43 2.39
CA TRP A 394 15.87 -0.71 2.26
C TRP A 394 15.06 0.57 2.17
N GLU A 395 15.63 1.69 2.65
CA GLU A 395 14.96 2.97 2.60
C GLU A 395 14.77 3.45 1.17
N SER A 396 15.75 3.15 0.31
CA SER A 396 15.60 3.46 -1.11
C SER A 396 14.47 2.67 -1.74
N GLY A 397 14.36 1.38 -1.40
CA GLY A 397 13.27 0.58 -1.90
C GLY A 397 11.93 1.02 -1.39
N VAL A 398 11.88 1.50 -0.15
CA VAL A 398 10.63 1.99 0.41
C VAL A 398 10.09 3.18 -0.41
N ARG A 399 10.99 4.02 -0.90
CA ARG A 399 10.56 5.20 -1.67
C ARG A 399 10.02 4.79 -3.03
N VAL A 400 10.74 3.90 -3.74
CA VAL A 400 10.29 3.46 -5.07
C VAL A 400 8.93 2.79 -4.98
N PHE A 401 8.74 1.92 -3.99
CA PHE A 401 7.46 1.27 -3.81
C PHE A 401 6.38 2.29 -3.45
N ASP A 402 6.69 3.25 -2.58
CA ASP A 402 5.73 4.30 -2.27
C ASP A 402 5.29 5.05 -3.53
N GLU A 403 6.20 5.25 -4.49
CA GLU A 403 5.83 5.96 -5.71
C GLU A 403 5.02 5.10 -6.67
N LEU A 404 5.26 3.79 -6.71
CA LEU A 404 4.69 2.95 -7.74
C LEU A 404 3.61 2.00 -7.26
N LEU A 405 3.62 1.64 -5.98
CA LEU A 405 2.81 0.53 -5.48
C LEU A 405 1.54 1.08 -4.86
N LEU A 406 0.39 0.49 -5.21
CA LEU A 406 -0.89 1.02 -4.73
C LEU A 406 -1.12 0.69 -3.27
N ASP A 407 -0.57 -0.41 -2.77
CA ASP A 407 -0.81 -0.85 -1.41
C ASP A 407 0.32 -0.50 -0.45
N ALA A 408 1.07 0.57 -0.70
CA ALA A 408 2.15 0.93 0.20
C ALA A 408 1.62 1.87 1.29
N ASP A 409 2.01 1.60 2.53
CA ASP A 409 1.80 2.48 3.66
C ASP A 409 3.15 2.91 4.22
N PHE A 410 3.11 3.89 5.11
CA PHE A 410 4.26 4.10 5.98
C PHE A 410 4.57 2.84 6.76
N SER A 411 3.53 2.10 7.18
CA SER A 411 3.67 0.96 8.09
C SER A 411 3.98 -0.34 7.35
N VAL A 412 3.14 -0.71 6.39
CA VAL A 412 3.32 -1.99 5.72
C VAL A 412 4.54 -1.98 4.82
N ASN A 413 4.92 -0.82 4.28
CA ASN A 413 6.04 -0.77 3.34
C ASN A 413 7.37 -0.86 4.06
N ALA A 414 7.57 -0.02 5.07
CA ALA A 414 8.84 -0.06 5.80
C ALA A 414 9.01 -1.39 6.54
N GLY A 415 7.90 -2.00 6.98
CA GLY A 415 7.99 -3.27 7.66
C GLY A 415 8.50 -4.37 6.75
N SER A 416 7.86 -4.56 5.60
CA SER A 416 8.30 -5.58 4.65
C SER A 416 9.77 -5.39 4.28
N TRP A 417 10.19 -4.15 4.05
CA TRP A 417 11.57 -3.90 3.63
C TRP A 417 12.57 -4.15 4.75
N MET A 418 12.19 -3.87 6.00
CA MET A 418 13.07 -4.27 7.10
C MET A 418 13.08 -5.78 7.26
N TRP A 419 11.99 -6.45 6.91
CA TRP A 419 11.93 -7.90 7.02
C TRP A 419 12.86 -8.56 6.00
N LEU A 420 12.68 -8.26 4.70
CA LEU A 420 13.59 -8.79 3.69
C LEU A 420 15.04 -8.46 3.97
N SER A 421 15.34 -7.17 4.17
CA SER A 421 16.73 -6.77 4.40
C SER A 421 17.35 -7.44 5.62
N CYS A 422 16.55 -8.16 6.42
CA CYS A 422 17.01 -8.74 7.68
C CYS A 422 17.47 -7.63 8.63
N SER A 423 16.88 -6.45 8.47
CA SER A 423 17.13 -5.30 9.31
C SER A 423 16.29 -5.29 10.58
N ALA A 424 15.20 -6.06 10.61
CA ALA A 424 14.33 -6.12 11.78
C ALA A 424 13.38 -7.31 11.64
N PHE A 425 12.84 -7.74 12.79
CA PHE A 425 11.84 -8.81 12.89
C PHE A 425 12.34 -10.16 12.42
N PHE A 426 13.45 -10.18 11.69
CA PHE A 426 13.86 -11.32 10.87
C PHE A 426 15.37 -11.49 10.96
N GLN A 427 15.81 -12.75 11.05
CA GLN A 427 17.23 -13.05 11.15
C GLN A 427 17.70 -14.13 10.17
N GLN A 428 16.81 -14.77 9.42
CA GLN A 428 17.19 -15.88 8.53
C GLN A 428 17.81 -15.29 7.26
N PHE A 429 19.04 -14.79 7.40
CA PHE A 429 19.75 -14.17 6.28
C PHE A 429 20.04 -15.14 5.15
N PHE A 430 19.68 -16.41 5.30
CA PHE A 430 19.76 -17.39 4.22
C PHE A 430 18.44 -17.59 3.50
N HIS A 431 17.37 -16.88 3.91
CA HIS A 431 16.08 -16.92 3.23
C HIS A 431 16.22 -16.29 1.86
N CYS A 432 16.98 -16.93 0.97
CA CYS A 432 17.60 -16.26 -0.16
C CYS A 432 16.85 -16.51 -1.46
N TYR A 433 16.95 -15.54 -2.38
CA TYR A 433 16.28 -15.63 -3.67
C TYR A 433 17.29 -15.41 -4.79
N CYS A 434 17.38 -16.39 -5.69
CA CYS A 434 18.19 -16.25 -6.88
C CYS A 434 17.48 -15.37 -7.90
N PRO A 435 18.13 -14.34 -8.44
CA PRO A 435 17.47 -13.51 -9.47
C PRO A 435 17.15 -14.26 -10.75
N VAL A 436 17.69 -15.47 -10.91
CA VAL A 436 17.33 -16.35 -12.02
C VAL A 436 16.44 -17.49 -11.54
N GLY A 437 16.91 -18.24 -10.53
CA GLY A 437 16.25 -19.48 -10.16
C GLY A 437 14.84 -19.28 -9.65
N PHE A 438 14.60 -18.20 -8.91
CA PHE A 438 13.27 -17.96 -8.37
C PHE A 438 12.26 -17.75 -9.48
N GLY A 439 12.69 -17.13 -10.58
CA GLY A 439 11.78 -16.90 -11.70
C GLY A 439 11.37 -18.20 -12.38
N ARG A 440 12.37 -19.01 -12.76
CA ARG A 440 12.08 -20.28 -13.43
C ARG A 440 11.28 -21.21 -12.54
N ARG A 441 11.45 -21.10 -11.22
CA ARG A 441 10.66 -21.92 -10.31
C ARG A 441 9.23 -21.39 -10.16
N THR A 442 9.03 -20.09 -10.32
CA THR A 442 7.67 -19.58 -10.21
C THR A 442 6.93 -19.73 -11.53
N ASP A 443 7.61 -19.46 -12.64
CA ASP A 443 7.03 -19.55 -13.98
C ASP A 443 7.98 -20.24 -14.93
N PRO A 444 7.92 -21.56 -15.06
CA PRO A 444 8.81 -22.25 -15.98
C PRO A 444 8.59 -21.87 -17.44
N SER A 445 7.41 -21.35 -17.79
CA SER A 445 7.10 -21.01 -19.17
C SER A 445 7.91 -19.81 -19.65
N GLY A 446 8.10 -18.81 -18.80
CA GLY A 446 8.69 -17.57 -19.22
C GLY A 446 7.71 -16.57 -19.79
N ASP A 447 6.40 -16.86 -19.68
CA ASP A 447 5.38 -15.98 -20.25
C ASP A 447 5.25 -14.66 -19.47
N TYR A 448 5.53 -14.68 -18.17
CA TYR A 448 5.57 -13.44 -17.41
C TYR A 448 6.61 -12.49 -17.97
N ILE A 449 7.79 -13.01 -18.33
CA ILE A 449 8.80 -12.15 -18.92
C ILE A 449 8.33 -11.66 -20.27
N ARG A 450 7.74 -12.56 -21.05
CA ARG A 450 7.26 -12.21 -22.39
C ARG A 450 6.18 -11.13 -22.36
N ARG A 451 5.35 -11.09 -21.31
CA ARG A 451 4.29 -10.09 -21.27
C ARG A 451 4.82 -8.72 -20.87
N TYR A 452 5.87 -8.68 -20.05
CA TYR A 452 6.35 -7.42 -19.52
C TYR A 452 7.70 -7.01 -20.06
N LEU A 453 8.39 -7.88 -20.77
CA LEU A 453 9.64 -7.58 -21.46
C LEU A 453 9.56 -8.25 -22.82
N PRO A 454 8.84 -7.67 -23.78
CA PRO A 454 8.59 -8.36 -25.04
C PRO A 454 9.77 -8.39 -25.99
N LYS A 455 10.86 -7.67 -25.69
CA LYS A 455 12.06 -7.79 -26.51
C LYS A 455 12.67 -9.19 -26.39
N LEU A 456 12.49 -9.85 -25.25
CA LEU A 456 13.00 -11.20 -25.04
C LEU A 456 11.95 -12.27 -25.33
N LYS A 457 10.89 -11.93 -26.06
CA LYS A 457 9.79 -12.87 -26.26
C LYS A 457 10.23 -14.11 -27.01
N GLY A 458 11.15 -13.97 -27.96
CA GLY A 458 11.54 -15.11 -28.77
C GLY A 458 12.45 -16.09 -28.07
N PHE A 459 13.03 -15.69 -26.94
CA PHE A 459 13.96 -16.57 -26.25
C PHE A 459 13.24 -17.84 -25.79
N PRO A 460 13.89 -19.00 -25.87
CA PRO A 460 13.29 -20.22 -25.35
C PRO A 460 13.38 -20.27 -23.84
N SER A 461 12.48 -21.06 -23.26
CA SER A 461 12.34 -21.10 -21.81
C SER A 461 13.64 -21.43 -21.10
N ARG A 462 14.48 -22.29 -21.69
CA ARG A 462 15.74 -22.68 -21.06
C ARG A 462 16.69 -21.50 -20.85
N TYR A 463 16.50 -20.40 -21.59
CA TYR A 463 17.46 -19.29 -21.54
C TYR A 463 16.82 -17.95 -21.18
N ILE A 464 15.50 -17.90 -20.96
CA ILE A 464 14.83 -16.61 -20.84
C ILE A 464 15.13 -15.93 -19.50
N TYR A 465 15.44 -16.70 -18.47
CA TYR A 465 15.76 -16.11 -17.18
C TYR A 465 17.25 -15.80 -17.05
N GLU A 466 18.06 -16.25 -18.02
CA GLU A 466 19.51 -16.10 -17.99
C GLU A 466 20.02 -15.93 -19.42
N PRO A 467 19.96 -14.71 -19.94
CA PRO A 467 20.18 -14.49 -21.37
C PRO A 467 21.64 -14.34 -21.78
N TRP A 468 22.51 -13.75 -20.96
CA TRP A 468 23.94 -13.74 -21.29
C TRP A 468 24.47 -15.16 -21.53
N ASN A 469 23.98 -16.14 -20.78
CA ASN A 469 24.37 -17.54 -20.97
C ASN A 469 23.46 -18.22 -22.00
N ALA A 470 23.39 -17.64 -23.21
CA ALA A 470 22.60 -18.23 -24.29
C ALA A 470 23.32 -18.06 -25.63
N PRO A 471 23.18 -19.05 -26.52
CA PRO A 471 23.90 -18.98 -27.81
C PRO A 471 23.39 -17.85 -28.69
N GLU A 472 24.34 -17.17 -29.37
CA GLU A 472 23.99 -16.13 -30.33
C GLU A 472 23.11 -16.64 -31.46
N SER A 473 23.20 -17.94 -31.77
CA SER A 473 22.23 -18.58 -32.66
C SER A 473 20.80 -18.33 -32.18
N VAL A 474 20.52 -18.72 -30.94
CA VAL A 474 19.16 -18.60 -30.42
C VAL A 474 18.82 -17.15 -30.12
N GLN A 475 19.83 -16.32 -29.83
CA GLN A 475 19.61 -14.88 -29.67
C GLN A 475 19.11 -14.27 -30.96
N LYS A 476 19.80 -14.55 -32.07
CA LYS A 476 19.41 -13.98 -33.35
C LYS A 476 18.05 -14.50 -33.80
N ALA A 477 17.73 -15.74 -33.45
CA ALA A 477 16.40 -16.28 -33.74
C ALA A 477 15.34 -15.59 -32.90
N ALA A 478 15.66 -15.29 -31.63
CA ALA A 478 14.79 -14.47 -30.82
C ALA A 478 14.84 -13.01 -31.27
N LYS A 479 15.87 -12.64 -32.04
CA LYS A 479 16.06 -11.29 -32.56
C LYS A 479 16.29 -10.28 -31.43
N CYS A 480 16.88 -10.73 -30.33
CA CYS A 480 17.21 -9.86 -29.20
C CYS A 480 18.71 -9.86 -29.02
N ILE A 481 19.33 -8.68 -29.13
CA ILE A 481 20.77 -8.55 -29.00
C ILE A 481 21.17 -8.75 -27.55
N ILE A 482 22.39 -9.23 -27.33
CA ILE A 482 22.83 -9.56 -25.98
C ILE A 482 23.19 -8.30 -25.18
N GLY A 483 23.58 -7.23 -25.86
CA GLY A 483 24.04 -6.04 -25.17
C GLY A 483 23.62 -4.76 -25.87
N VAL A 484 22.51 -4.82 -26.59
CA VAL A 484 21.91 -3.66 -27.23
C VAL A 484 20.43 -3.67 -26.92
N ASP A 485 19.74 -4.73 -27.36
CA ASP A 485 18.29 -4.79 -27.21
C ASP A 485 17.87 -4.84 -25.75
N TYR A 486 18.63 -5.53 -24.90
CA TYR A 486 18.39 -5.63 -23.48
C TYR A 486 19.70 -5.50 -22.72
N PRO A 487 19.67 -5.01 -21.48
CA PRO A 487 20.92 -4.78 -20.76
C PRO A 487 21.52 -6.09 -20.26
N ARG A 488 22.82 -6.04 -19.98
CA ARG A 488 23.55 -7.19 -19.48
C ARG A 488 23.57 -7.17 -17.96
N PRO A 489 23.78 -8.33 -17.32
CA PRO A 489 23.76 -8.36 -15.85
C PRO A 489 24.72 -7.35 -15.24
N ILE A 490 24.17 -6.49 -14.38
CA ILE A 490 24.97 -5.46 -13.73
C ILE A 490 25.80 -6.00 -12.57
N VAL A 491 25.49 -7.19 -12.04
CA VAL A 491 26.35 -7.88 -11.09
C VAL A 491 26.43 -9.36 -11.48
N ASN A 492 27.40 -10.07 -10.91
CA ASN A 492 27.36 -11.52 -10.97
C ASN A 492 26.84 -12.00 -9.64
N HIS A 493 25.77 -12.80 -9.68
CA HIS A 493 25.02 -13.07 -8.48
C HIS A 493 25.79 -14.02 -7.56
N ALA A 494 26.43 -15.05 -8.13
CA ALA A 494 27.17 -16.01 -7.30
C ALA A 494 28.24 -15.33 -6.46
N GLU A 495 29.15 -14.59 -7.11
CA GLU A 495 30.18 -13.87 -6.37
C GLU A 495 29.56 -12.90 -5.38
N THR A 496 28.63 -12.08 -5.84
CA THR A 496 28.11 -11.01 -5.00
C THR A 496 27.40 -11.57 -3.78
N SER A 497 26.53 -12.56 -3.98
CA SER A 497 25.75 -13.12 -2.87
C SER A 497 26.66 -13.68 -1.77
N ARG A 498 27.77 -14.32 -2.15
CA ARG A 498 28.69 -14.86 -1.14
C ARG A 498 29.26 -13.74 -0.28
N LEU A 499 29.72 -12.65 -0.90
CA LEU A 499 30.24 -11.52 -0.14
C LEU A 499 29.17 -10.91 0.77
N ASN A 500 27.93 -10.88 0.33
CA ASN A 500 26.93 -10.15 1.10
C ASN A 500 26.53 -10.91 2.37
N ILE A 501 26.44 -12.24 2.29
CA ILE A 501 26.20 -13.01 3.52
C ILE A 501 27.32 -12.78 4.52
N GLU A 502 28.57 -12.85 4.04
CA GLU A 502 29.71 -12.67 4.93
C GLU A 502 29.63 -11.32 5.64
N ARG A 503 29.29 -10.26 4.91
CA ARG A 503 29.08 -8.96 5.54
C ARG A 503 27.87 -8.99 6.46
N MET A 504 26.85 -9.77 6.09
CA MET A 504 25.65 -9.88 6.92
C MET A 504 25.97 -10.61 8.23
N LYS A 505 26.69 -11.73 8.15
CA LYS A 505 27.02 -12.51 9.35
C LYS A 505 27.85 -11.69 10.32
N GLN A 506 28.78 -10.87 9.80
CA GLN A 506 29.62 -10.06 10.69
C GLN A 506 28.80 -9.00 11.42
N ILE A 507 27.66 -8.60 10.84
CA ILE A 507 26.80 -7.63 11.51
C ILE A 507 26.09 -8.25 12.71
N TYR A 508 25.83 -9.56 12.67
CA TYR A 508 25.16 -10.21 13.80
C TYR A 508 26.04 -10.21 15.05
N GLN A 509 27.36 -10.31 14.86
CA GLN A 509 28.31 -10.20 15.96
C GLN A 509 28.63 -8.72 16.22
#